data_4JFL
#
_entry.id   4JFL
#
_cell.length_a   42.158
_cell.length_b   54.178
_cell.length_c   56.244
_cell.angle_alpha   90.000
_cell.angle_beta   90.000
_cell.angle_gamma   90.000
#
_symmetry.space_group_name_H-M   'P 21 21 21'
#
loop_
_entity.id
_entity.type
_entity.pdbx_description
1 polymer 'Peptidyl-prolyl cis-trans isomerase FKBP5'
2 non-polymer 6-({(1S,5R)-3-[2-(3,4-dimethoxyphenoxy)ethyl]-2-oxo-3,9-diazabicyclo[3.3.1]non-9-yl}sulfonyl)-1,3-benzothiazol-2(3H)-one
3 water water
#
_entity_poly.entity_id   1
_entity_poly.type   'polypeptide(L)'
_entity_poly.pdbx_seq_one_letter_code
;GAPATVTEQGEDITSKKDRGVLKIVKRVGNGEETPMIGDKVYVHYKGKLSNGKKFDSSHDRNEPFVFSLGKGQVIKAWDI
GVATMKKGEICHLLCKPEYAYGSAGSLPKIPSNATLFFEIELLDFKGE
;
_entity_poly.pdbx_strand_id   A
#
loop_
_chem_comp.id
_chem_comp.type
_chem_comp.name
_chem_comp.formula
1KY non-polymer 6-({(1S,5R)-3-[2-(3,4-dimethoxyphenoxy)ethyl]-2-oxo-3,9-diazabicyclo[3.3.1]non-9-yl}sulfonyl)-1,3-benzothiazol-2(3H)-one 'C24 H27 N3 O7 S2'
#
# COMPACT_ATOMS: atom_id res chain seq x y z
N GLY A 1 9.94 -15.45 -2.48
CA GLY A 1 8.80 -14.90 -3.24
C GLY A 1 8.75 -13.40 -3.10
N ALA A 2 7.67 -12.83 -3.62
CA ALA A 2 7.55 -11.37 -3.66
C ALA A 2 7.62 -10.70 -2.27
N PRO A 3 7.00 -11.26 -1.22
CA PRO A 3 7.13 -10.61 0.09
C PRO A 3 8.58 -10.60 0.59
N ALA A 4 9.29 -11.70 0.42
CA ALA A 4 10.69 -11.73 0.80
C ALA A 4 11.50 -10.72 0.01
N THR A 5 11.20 -10.60 -1.28
CA THR A 5 11.95 -9.69 -2.12
C THR A 5 11.77 -8.25 -1.73
N VAL A 6 10.54 -7.83 -1.46
CA VAL A 6 10.35 -6.45 -1.01
C VAL A 6 10.93 -6.23 0.38
N THR A 7 10.88 -7.23 1.24
CA THR A 7 11.52 -7.11 2.54
C THR A 7 13.04 -6.86 2.43
N GLU A 8 13.68 -7.57 1.52
CA GLU A 8 15.13 -7.57 1.39
C GLU A 8 15.65 -6.56 0.40
N GLN A 9 14.81 -6.09 -0.52
CA GLN A 9 15.27 -5.29 -1.64
C GLN A 9 14.41 -4.05 -1.86
N GLY A 10 13.49 -3.77 -0.95
CA GLY A 10 12.60 -2.65 -1.08
C GLY A 10 13.24 -1.36 -0.61
N GLU A 11 12.66 -0.25 -1.03
N GLU A 11 12.65 -0.25 -1.04
CA GLU A 11 13.11 1.06 -0.63
CA GLU A 11 13.11 1.08 -0.66
C GLU A 11 12.23 1.62 0.48
C GLU A 11 12.23 1.65 0.46
N ASP A 12 12.87 2.18 1.49
CA ASP A 12 12.15 2.84 2.59
C ASP A 12 11.60 4.16 2.09
N ILE A 13 10.28 4.30 2.10
CA ILE A 13 9.60 5.49 1.64
C ILE A 13 9.02 6.29 2.79
N THR A 14 9.37 5.96 4.02
CA THR A 14 8.86 6.72 5.16
C THR A 14 9.65 8.01 5.35
N SER A 15 8.96 9.01 5.87
N SER A 15 8.96 9.01 5.87
CA SER A 15 9.62 10.26 6.27
CA SER A 15 9.61 10.24 6.28
C SER A 15 10.58 10.10 7.44
C SER A 15 10.66 9.97 7.35
N LYS A 16 10.29 9.16 8.34
CA LYS A 16 11.15 8.87 9.48
C LYS A 16 12.35 8.02 9.14
N LYS A 17 12.35 7.37 8.00
N LYS A 17 12.34 7.39 7.98
CA LYS A 17 13.37 6.39 7.60
CA LYS A 17 13.36 6.40 7.58
C LYS A 17 13.55 5.32 8.66
C LYS A 17 13.53 5.32 8.65
N ASP A 18 12.41 4.77 9.08
CA ASP A 18 12.38 3.72 10.09
C ASP A 18 12.08 2.33 9.49
N ARG A 19 12.16 2.27 8.16
N ARG A 19 12.17 2.19 8.18
CA ARG A 19 11.88 1.10 7.35
CA ARG A 19 11.94 0.90 7.51
C ARG A 19 10.53 0.47 7.66
C ARG A 19 10.48 0.43 7.60
N GLY A 20 9.57 1.32 8.00
CA GLY A 20 8.23 0.86 8.29
C GLY A 20 7.38 0.55 7.08
N VAL A 21 7.75 1.14 5.93
CA VAL A 21 7.06 0.95 4.67
C VAL A 21 8.13 0.85 3.60
N LEU A 22 8.23 -0.32 2.97
CA LEU A 22 9.18 -0.55 1.90
C LEU A 22 8.43 -0.75 0.63
N LYS A 23 9.02 -0.30 -0.47
CA LYS A 23 8.36 -0.32 -1.78
C LYS A 23 9.26 -0.80 -2.88
N ILE A 24 8.68 -1.55 -3.81
CA ILE A 24 9.30 -1.84 -5.12
C ILE A 24 8.27 -1.48 -6.19
N VAL A 25 8.71 -0.71 -7.19
CA VAL A 25 7.87 -0.42 -8.35
C VAL A 25 7.97 -1.60 -9.30
N LYS A 26 6.85 -2.24 -9.57
CA LYS A 26 6.78 -3.39 -10.46
C LYS A 26 6.45 -3.00 -11.88
N ARG A 27 5.52 -2.06 -12.08
CA ARG A 27 5.24 -1.51 -13.40
C ARG A 27 5.26 0.00 -13.30
N VAL A 28 6.10 0.64 -14.13
CA VAL A 28 6.22 2.09 -14.15
C VAL A 28 4.93 2.66 -14.73
N GLY A 29 4.39 3.64 -14.06
CA GLY A 29 3.19 4.33 -14.53
C GLY A 29 3.48 5.47 -15.46
N ASN A 30 2.49 6.33 -15.61
CA ASN A 30 2.50 7.37 -16.63
C ASN A 30 2.96 8.70 -16.13
N GLY A 31 3.92 9.29 -16.80
CA GLY A 31 4.35 10.65 -16.52
C GLY A 31 5.01 10.78 -15.17
N GLU A 32 4.86 11.95 -14.55
CA GLU A 32 5.52 12.26 -13.31
C GLU A 32 4.54 12.56 -12.19
N GLU A 33 3.26 12.77 -12.49
CA GLU A 33 2.35 13.26 -11.46
C GLU A 33 1.87 12.15 -10.53
N THR A 34 1.85 12.44 -9.25
CA THR A 34 1.29 11.57 -8.23
C THR A 34 0.06 12.25 -7.66
N PRO A 35 -0.82 11.48 -7.02
CA PRO A 35 -2.04 12.10 -6.51
C PRO A 35 -1.75 13.12 -5.43
N MET A 36 -2.70 13.99 -5.19
CA MET A 36 -2.55 14.92 -4.07
C MET A 36 -3.51 14.61 -2.96
N ILE A 37 -3.17 15.12 -1.78
CA ILE A 37 -4.01 14.98 -0.61
C ILE A 37 -5.46 15.37 -0.95
N GLY A 38 -6.38 14.51 -0.54
CA GLY A 38 -7.77 14.75 -0.82
C GLY A 38 -8.30 14.20 -2.11
N ASP A 39 -7.43 13.77 -3.00
CA ASP A 39 -7.89 13.17 -4.25
C ASP A 39 -8.62 11.87 -3.97
N LYS A 40 -9.65 11.62 -4.76
CA LYS A 40 -10.27 10.32 -4.83
C LYS A 40 -9.38 9.41 -5.64
N VAL A 41 -8.85 8.38 -5.00
N VAL A 41 -8.95 8.33 -5.01
CA VAL A 41 -7.98 7.43 -5.68
CA VAL A 41 -8.01 7.42 -5.59
C VAL A 41 -8.67 6.09 -5.82
C VAL A 41 -8.74 6.10 -5.83
N TYR A 42 -8.45 5.47 -6.97
CA TYR A 42 -9.02 4.19 -7.35
C TYR A 42 -7.87 3.23 -7.48
N VAL A 43 -7.90 2.14 -6.72
CA VAL A 43 -6.85 1.15 -6.78
C VAL A 43 -7.40 -0.25 -6.90
N HIS A 44 -6.60 -1.14 -7.47
CA HIS A 44 -6.80 -2.57 -7.27
C HIS A 44 -5.66 -3.05 -6.38
N TYR A 45 -5.95 -4.04 -5.53
CA TYR A 45 -4.93 -4.54 -4.62
C TYR A 45 -5.19 -5.98 -4.25
N LYS A 46 -4.13 -6.61 -3.77
CA LYS A 46 -4.25 -7.83 -2.99
C LYS A 46 -3.32 -7.72 -1.79
N GLY A 47 -3.76 -8.30 -0.67
CA GLY A 47 -2.99 -8.30 0.57
C GLY A 47 -2.72 -9.70 1.04
N LYS A 48 -1.51 -9.89 1.56
CA LYS A 48 -1.09 -11.16 2.18
C LYS A 48 -0.49 -10.94 3.53
N LEU A 49 -0.77 -11.87 4.42
CA LEU A 49 -0.10 -11.95 5.71
C LEU A 49 1.26 -12.57 5.57
N SER A 50 2.04 -12.43 6.62
N SER A 50 2.05 -12.43 6.63
CA SER A 50 3.38 -13.00 6.66
CA SER A 50 3.38 -13.02 6.70
C SER A 50 3.36 -14.52 6.81
C SER A 50 3.35 -14.53 6.76
N ASN A 51 2.20 -15.10 7.08
CA ASN A 51 2.06 -16.57 7.06
C ASN A 51 1.65 -17.09 5.67
N GLY A 52 1.58 -16.19 4.68
CA GLY A 52 1.26 -16.57 3.32
C GLY A 52 -0.20 -16.48 2.93
N LYS A 53 -1.09 -16.28 3.89
CA LYS A 53 -2.52 -16.23 3.59
C LYS A 53 -2.91 -14.94 2.87
N LYS A 54 -3.61 -15.05 1.75
CA LYS A 54 -4.22 -13.89 1.11
C LYS A 54 -5.38 -13.48 2.02
N PHE A 55 -5.41 -12.24 2.50
CA PHE A 55 -6.52 -11.79 3.34
C PHE A 55 -7.50 -10.89 2.63
N ASP A 56 -7.17 -10.37 1.45
CA ASP A 56 -8.08 -9.48 0.76
C ASP A 56 -7.63 -9.31 -0.67
N SER A 57 -8.60 -9.03 -1.54
CA SER A 57 -8.34 -8.72 -2.94
C SER A 57 -9.51 -7.95 -3.53
N SER A 58 -9.24 -6.79 -4.10
CA SER A 58 -10.28 -6.10 -4.86
C SER A 58 -10.58 -6.79 -6.19
N HIS A 59 -9.59 -7.43 -6.81
CA HIS A 59 -9.82 -8.10 -8.06
C HIS A 59 -10.91 -9.15 -7.91
N ASP A 60 -10.90 -9.85 -6.78
CA ASP A 60 -11.87 -10.90 -6.54
C ASP A 60 -13.29 -10.35 -6.37
N ARG A 61 -13.42 -9.07 -6.08
CA ARG A 61 -14.71 -8.40 -5.97
C ARG A 61 -15.17 -7.73 -7.25
N ASN A 62 -14.32 -7.70 -8.28
CA ASN A 62 -14.65 -7.05 -9.54
C ASN A 62 -15.00 -5.57 -9.37
N GLU A 63 -14.38 -4.89 -8.42
CA GLU A 63 -14.52 -3.44 -8.31
C GLU A 63 -13.31 -2.91 -7.58
N PRO A 64 -12.89 -1.69 -7.90
CA PRO A 64 -11.73 -1.10 -7.26
C PRO A 64 -12.08 -0.67 -5.86
N PHE A 65 -11.04 -0.44 -5.07
CA PHE A 65 -11.16 0.17 -3.78
C PHE A 65 -10.90 1.66 -3.95
N VAL A 66 -11.78 2.46 -3.36
CA VAL A 66 -11.77 3.90 -3.58
C VAL A 66 -11.66 4.61 -2.23
N PHE A 67 -10.75 5.56 -2.13
CA PHE A 67 -10.62 6.32 -0.90
C PHE A 67 -10.07 7.70 -1.20
N SER A 68 -10.17 8.59 -0.23
N SER A 68 -10.15 8.57 -0.20
CA SER A 68 -9.60 9.93 -0.35
CA SER A 68 -9.62 9.91 -0.29
C SER A 68 -8.22 9.92 0.28
C SER A 68 -8.21 9.91 0.29
N LEU A 69 -7.23 10.29 -0.51
CA LEU A 69 -5.83 10.16 -0.11
C LEU A 69 -5.46 11.10 1.03
N GLY A 70 -4.72 10.58 1.98
CA GLY A 70 -4.11 11.39 3.00
C GLY A 70 -5.03 11.82 4.12
N LYS A 71 -6.14 11.11 4.28
CA LYS A 71 -7.15 11.45 5.27
C LYS A 71 -7.30 10.38 6.36
N GLY A 72 -6.43 9.39 6.42
CA GLY A 72 -6.54 8.33 7.40
C GLY A 72 -7.76 7.45 7.20
N GLN A 73 -8.22 7.36 5.96
CA GLN A 73 -9.28 6.42 5.59
C GLN A 73 -8.74 5.03 5.39
N VAL A 74 -7.42 4.92 5.36
CA VAL A 74 -6.72 3.66 5.17
C VAL A 74 -5.54 3.62 6.12
N ILE A 75 -4.88 2.48 6.25
CA ILE A 75 -3.68 2.38 7.07
C ILE A 75 -2.61 3.35 6.57
N LYS A 76 -1.76 3.73 7.50
CA LYS A 76 -0.75 4.74 7.23
C LYS A 76 0.12 4.35 6.04
N ALA A 77 0.48 3.09 5.93
CA ALA A 77 1.33 2.62 4.82
C ALA A 77 0.72 2.93 3.49
N TRP A 78 -0.62 2.86 3.39
CA TRP A 78 -1.30 3.15 2.13
C TRP A 78 -1.33 4.63 1.84
N ASP A 79 -1.63 5.45 2.83
CA ASP A 79 -1.60 6.90 2.60
C ASP A 79 -0.21 7.30 2.13
N ILE A 80 0.84 6.76 2.74
N ILE A 80 0.83 6.76 2.75
CA ILE A 80 2.20 7.06 2.35
CA ILE A 80 2.21 7.04 2.34
C ILE A 80 2.52 6.44 0.98
C ILE A 80 2.57 6.42 0.99
N GLY A 81 2.21 5.16 0.78
CA GLY A 81 2.61 4.45 -0.42
C GLY A 81 1.89 4.91 -1.65
N VAL A 82 0.57 5.06 -1.58
CA VAL A 82 -0.20 5.42 -2.75
C VAL A 82 0.18 6.85 -3.18
N ALA A 83 0.55 7.70 -2.23
CA ALA A 83 0.99 9.05 -2.54
C ALA A 83 2.24 9.09 -3.40
N THR A 84 3.01 8.01 -3.44
CA THR A 84 4.21 7.94 -4.25
C THR A 84 3.95 7.42 -5.67
N MET A 85 2.75 6.95 -5.96
CA MET A 85 2.48 6.24 -7.20
C MET A 85 2.03 7.14 -8.34
N LYS A 86 2.43 6.78 -9.54
N LYS A 86 2.39 6.75 -9.54
CA LYS A 86 1.91 7.38 -10.76
CA LYS A 86 1.91 7.37 -10.77
C LYS A 86 0.70 6.60 -11.27
C LYS A 86 0.73 6.58 -11.32
N LYS A 87 -0.12 7.25 -12.09
CA LYS A 87 -1.26 6.58 -12.68
C LYS A 87 -0.75 5.40 -13.51
N GLY A 88 -1.36 4.24 -13.33
CA GLY A 88 -0.97 3.04 -14.03
C GLY A 88 0.15 2.25 -13.38
N GLU A 89 0.75 2.77 -12.32
CA GLU A 89 1.81 2.07 -11.65
C GLU A 89 1.26 0.89 -10.88
N ILE A 90 2.07 -0.17 -10.83
CA ILE A 90 1.86 -1.26 -9.90
C ILE A 90 3.10 -1.33 -9.01
N CYS A 91 2.87 -1.42 -7.71
CA CYS A 91 3.96 -1.56 -6.75
C CYS A 91 3.66 -2.65 -5.76
N HIS A 92 4.72 -3.05 -5.06
CA HIS A 92 4.64 -3.89 -3.87
C HIS A 92 5.02 -3.06 -2.68
N LEU A 93 4.25 -3.23 -1.61
CA LEU A 93 4.49 -2.55 -0.34
C LEU A 93 4.58 -3.55 0.78
N LEU A 94 5.58 -3.39 1.62
CA LEU A 94 5.77 -4.19 2.81
C LEU A 94 5.58 -3.24 3.98
N CYS A 95 4.59 -3.53 4.83
CA CYS A 95 4.07 -2.61 5.82
C CYS A 95 4.27 -3.21 7.21
N LYS A 96 5.11 -2.60 8.03
CA LYS A 96 5.25 -3.05 9.41
C LYS A 96 4.01 -2.65 10.20
N PRO A 97 3.74 -3.33 11.32
CA PRO A 97 2.47 -3.08 12.01
C PRO A 97 2.25 -1.66 12.46
N GLU A 98 3.31 -0.92 12.75
CA GLU A 98 3.18 0.47 13.17
C GLU A 98 2.58 1.34 12.06
N TYR A 99 2.64 0.87 10.81
CA TYR A 99 2.05 1.59 9.68
C TYR A 99 0.85 0.84 9.13
N ALA A 100 0.34 -0.10 9.91
CA ALA A 100 -0.79 -0.92 9.52
C ALA A 100 -1.78 -1.02 10.70
N TYR A 101 -2.03 -2.22 11.23
CA TYR A 101 -3.05 -2.41 12.28
C TYR A 101 -2.44 -2.58 13.67
N GLY A 102 -1.15 -2.42 13.83
CA GLY A 102 -0.56 -2.35 15.16
C GLY A 102 -0.79 -3.59 15.99
N SER A 103 -0.82 -3.38 17.29
CA SER A 103 -1.10 -4.45 18.23
C SER A 103 -2.56 -4.88 18.21
N ALA A 104 -3.47 -4.03 17.73
CA ALA A 104 -4.87 -4.40 17.74
C ALA A 104 -5.17 -5.48 16.72
N GLY A 105 -4.54 -5.40 15.55
CA GLY A 105 -4.96 -6.22 14.42
C GLY A 105 -6.31 -5.77 13.91
N SER A 106 -6.94 -6.62 13.12
CA SER A 106 -8.26 -6.30 12.58
C SER A 106 -8.98 -7.61 12.32
N LEU A 107 -9.95 -7.90 13.18
CA LEU A 107 -10.66 -9.16 13.08
C LEU A 107 -11.63 -9.14 11.93
N PRO A 108 -11.82 -10.29 11.27
CA PRO A 108 -11.30 -11.61 11.59
C PRO A 108 -9.92 -12.01 11.04
N LYS A 109 -9.38 -11.27 10.09
CA LYS A 109 -8.28 -11.82 9.31
C LYS A 109 -6.86 -11.37 9.68
N ILE A 110 -6.72 -10.21 10.30
CA ILE A 110 -5.38 -9.66 10.54
C ILE A 110 -5.01 -9.80 12.01
N PRO A 111 -3.96 -10.55 12.32
CA PRO A 111 -3.57 -10.74 13.72
C PRO A 111 -2.89 -9.52 14.30
N SER A 112 -2.67 -9.55 15.60
CA SER A 112 -1.84 -8.57 16.27
C SER A 112 -0.43 -8.56 15.71
N ASN A 113 0.14 -7.37 15.62
CA ASN A 113 1.55 -7.21 15.29
C ASN A 113 1.89 -7.76 13.91
N ALA A 114 1.01 -7.56 12.95
CA ALA A 114 1.15 -8.19 11.63
C ALA A 114 1.89 -7.30 10.65
N THR A 115 2.94 -7.83 10.05
CA THR A 115 3.56 -7.22 8.85
C THR A 115 2.75 -7.67 7.64
N LEU A 116 2.36 -6.72 6.79
CA LEU A 116 1.50 -6.99 5.67
C LEU A 116 2.23 -6.73 4.35
N PHE A 117 1.89 -7.52 3.35
CA PHE A 117 2.35 -7.36 1.98
C PHE A 117 1.18 -6.97 1.10
N PHE A 118 1.35 -5.95 0.26
CA PHE A 118 0.33 -5.59 -0.71
C PHE A 118 0.94 -5.47 -2.09
N GLU A 119 0.17 -5.87 -3.09
N GLU A 119 0.19 -5.87 -3.11
CA GLU A 119 0.36 -5.46 -4.46
CA GLU A 119 0.44 -5.44 -4.49
C GLU A 119 -0.74 -4.41 -4.70
C GLU A 119 -0.69 -4.50 -4.86
N ILE A 120 -0.34 -3.27 -5.22
CA ILE A 120 -1.31 -2.20 -5.49
C ILE A 120 -1.09 -1.65 -6.90
N GLU A 121 -2.20 -1.47 -7.60
CA GLU A 121 -2.25 -0.82 -8.90
C GLU A 121 -3.04 0.47 -8.76
N LEU A 122 -2.42 1.59 -9.11
CA LEU A 122 -3.13 2.87 -9.08
C LEU A 122 -3.84 3.07 -10.41
N LEU A 123 -5.17 2.95 -10.39
CA LEU A 123 -5.98 3.01 -11.62
C LEU A 123 -6.19 4.44 -12.06
N ASP A 124 -6.52 5.30 -11.13
CA ASP A 124 -6.86 6.68 -11.45
C ASP A 124 -6.88 7.51 -10.19
N PHE A 125 -6.79 8.81 -10.35
CA PHE A 125 -6.96 9.73 -9.22
C PHE A 125 -7.61 10.99 -9.77
N LYS A 126 -8.48 11.60 -8.98
CA LYS A 126 -9.08 12.85 -9.41
C LYS A 126 -9.39 13.70 -8.19
N GLY A 127 -9.30 15.03 -8.33
CA GLY A 127 -9.75 15.92 -7.29
C GLY A 127 -11.28 15.99 -7.35
N GLU A 128 -11.90 16.22 -6.20
CA GLU A 128 -13.34 16.41 -6.12
C GLU A 128 -13.70 17.90 -6.19
C 1KY B . -7.33 -0.31 4.95
C 1KY B . -7.35 -0.33 4.95
N 1KY B . -7.45 -2.51 4.38
N 1KY B . -7.46 -2.53 4.40
O 1KY B . -6.80 0.55 5.63
O 1KY B . -6.83 0.54 5.64
CA 1KY B . -6.55 -1.35 4.42
CA 1KY B . -6.57 -1.36 4.43
CB 1KY B . -6.01 -0.98 3.06
CB 1KY B . -6.03 -1.00 3.07
CAA 1KY B . -6.42 5.67 9.83
CAA 1KY B . -5.70 5.08 9.74
CAB 1KY B . -6.51 1.67 12.30
CAB 1KY B . -6.31 1.36 11.94
OAD 1KY B . -12.34 -9.00 5.86
OAD 1KY B . -10.73 -8.72 8.74
OAE 1KY B . -5.37 -4.05 4.97
OAE 1KY B . -5.34 -3.96 4.97
OAF 1KY B . -6.61 -4.58 2.85
OAF 1KY B . -6.53 -4.48 2.82
CAG 1KY B . -8.59 2.65 8.05
CAG 1KY B . -8.91 2.56 8.02
CAH 1KY B . -7.96 3.69 8.72
CAH 1KY B . -8.43 3.70 8.68
CAI 1KY B . -7.98 -5.23 6.52
CAI 1KY B . -8.38 -6.06 4.20
CAJ 1KY B . -8.93 -6.07 7.08
CAJ 1KY B . -9.23 -7.05 4.69
CAK 1KY B . -7.38 1.08 9.39
CAK 1KY B . -7.40 1.20 9.29
CAL 1KY B . -8.79 -5.88 4.41
CAL 1KY B . -7.90 -5.42 6.40
CAM 1KY B . -7.14 -0.52 2.23
CAM 1KY B . -7.16 -0.56 2.24
CAN 1KY B . -9.97 0.56 6.84
CAN 1KY B . -9.97 0.45 6.84
CAO 1KY B . -8.00 -1.76 2.05
CAO 1KY B . -8.01 -1.81 2.06
CAQ 1KY B . -9.39 0.87 5.45
CAQ 1KY B . -9.44 0.83 5.44
CAR 1KY B . -9.46 -1.23 4.01
CAR 1KY B . -9.47 -1.27 4.01
NAS 1KY B . -10.73 -7.64 6.74
NAS 1KY B . -10.16 -8.11 6.63
OAT 1KY B . -6.37 4.38 10.45
OAT 1KY B . -6.93 4.65 10.32
OAU 1KY B . -5.85 1.92 11.06
OAU 1KY B . -5.94 2.28 10.89
OAV 1KY B . -8.90 0.27 7.74
OAV 1KY B . -8.86 0.20 7.68
SAW 1KY B . -10.85 -7.68 4.34
SAW 1KY B . -9.13 -6.83 8.35
CAY 1KY B . -8.30 1.33 8.38
CAY 1KY B . -8.39 1.31 8.32
CAZ 1KY B . -7.88 -5.14 5.15
CAZ 1KY B . -7.72 -5.24 5.05
CBA 1KY B . -7.04 3.43 9.73
CBA 1KY B . -7.44 3.58 9.64
CBB 1KY B . -6.76 2.12 10.07
CBB 1KY B . -6.91 2.33 9.94
CBC 1KY B . -11.41 -8.20 5.73
CBC 1KY B . -10.11 -8.01 7.95
CBD 1KY B . -9.76 -6.78 6.33
CBD 1KY B . -9.39 -7.20 6.00
CBE 1KY B . -9.69 -6.68 4.99
CBE 1KY B . -8.72 -6.38 6.84
CBF 1KY B . -8.52 -2.26 3.41
CBF 1KY B . -8.53 -2.29 3.42
NBH 1KY B . -8.68 -0.28 4.82
NBH 1KY B . -8.70 -0.30 4.81
SBJ 1KY B . -6.72 -4.08 4.28
SBJ 1KY B . -6.68 -4.05 4.28
#